data_9JQ0
#
_entry.id   9JQ0
#
_cell.length_a   124.710
_cell.length_b   124.710
_cell.length_c   97.280
_cell.angle_alpha   90.00
_cell.angle_beta   90.00
_cell.angle_gamma   120.00
#
_symmetry.space_group_name_H-M   'P 63 2 2'
#
loop_
_entity.id
_entity.type
_entity.pdbx_description
1 polymer 'Acid phosphatase'
2 non-polymer 'PHOSPHATE ION'
3 non-polymer GLYCEROL
4 water water
#
_entity_poly.entity_id   1
_entity_poly.type   'polypeptide(L)'
_entity_poly.pdbx_seq_one_letter_code
;MALVPPGNDVTTKPDLYYLTNAQAIDSLALLPPPPAVGSIAFLNDQAMYEQGRLLRNTERGKLAAEDANLSAGGVANAFS
SAFGSPITEKDAPQLHKLLTNMIGDAGDLATRGAKEKYMRIRPFAFYGVSTCNTTEQDKLSKNGSYPSGHTSIGWATALV
LAEINPQRQNEILKRGYELGESRVICGYHWQSDVDAARIVGSAVVATLHTNPAFQQQLQKAKDEFAKTQKHHH
;
_entity_poly.pdbx_strand_id   A
#
loop_
_chem_comp.id
_chem_comp.type
_chem_comp.name
_chem_comp.formula
GOL non-polymer GLYCEROL 'C3 H8 O3'
PO4 non-polymer 'PHOSPHATE ION' 'O4 P -3'
#
# COMPACT_ATOMS: atom_id res chain seq x y z
N ALA A 2 -15.18 -5.46 15.98
CA ALA A 2 -14.85 -4.07 16.41
C ALA A 2 -15.30 -3.06 15.36
N LEU A 3 -15.80 -1.91 15.82
CA LEU A 3 -16.16 -0.81 14.93
C LEU A 3 -14.90 -0.07 14.51
N VAL A 4 -14.87 0.43 13.28
CA VAL A 4 -13.74 1.23 12.81
C VAL A 4 -13.69 2.53 13.61
N PRO A 5 -12.49 2.98 14.00
CA PRO A 5 -12.41 4.26 14.69
C PRO A 5 -12.89 5.42 13.80
N PRO A 6 -13.25 6.56 14.42
CA PRO A 6 -13.68 7.72 13.64
C PRO A 6 -12.67 8.12 12.57
N GLY A 7 -13.17 8.61 11.44
CA GLY A 7 -12.29 9.09 10.39
C GLY A 7 -12.99 9.38 9.09
N ASN A 8 -12.18 9.72 8.09
CA ASN A 8 -12.70 10.04 6.77
C ASN A 8 -13.21 8.81 6.04
N ASP A 9 -14.15 9.05 5.14
CA ASP A 9 -14.62 8.01 4.23
C ASP A 9 -15.20 8.68 2.98
N VAL A 10 -15.98 7.94 2.20
CA VAL A 10 -16.59 8.47 0.98
C VAL A 10 -17.46 9.72 1.23
N THR A 11 -18.08 9.82 2.40
CA THR A 11 -18.94 10.95 2.72
C THR A 11 -18.17 12.25 2.96
N THR A 12 -16.89 12.15 3.32
CA THR A 12 -16.05 13.34 3.53
C THR A 12 -15.05 13.58 2.40
N LYS A 13 -14.52 12.51 1.81
CA LYS A 13 -13.53 12.62 0.74
C LYS A 13 -13.87 11.66 -0.40
N PRO A 14 -14.92 11.99 -1.17
CA PRO A 14 -15.40 11.09 -2.24
C PRO A 14 -14.40 10.85 -3.38
N ASP A 15 -13.36 11.68 -3.46
CA ASP A 15 -12.30 11.55 -4.45
CA ASP A 15 -12.32 11.51 -4.47
C ASP A 15 -11.20 10.57 -4.02
N LEU A 16 -11.19 10.23 -2.72
CA LEU A 16 -10.16 9.34 -2.16
C LEU A 16 -10.70 8.04 -1.57
N TYR A 17 -12.02 7.94 -1.41
CA TYR A 17 -12.66 6.72 -0.93
C TYR A 17 -13.89 6.41 -1.76
N TYR A 18 -14.11 5.13 -2.05
CA TYR A 18 -15.39 4.63 -2.54
C TYR A 18 -16.30 4.21 -1.39
N LEU A 19 -15.71 3.81 -0.27
CA LEU A 19 -16.44 3.13 0.78
C LEU A 19 -16.71 4.00 2.01
N THR A 20 -17.73 3.60 2.77
CA THR A 20 -18.06 4.26 4.04
C THR A 20 -17.31 3.60 5.18
N ASN A 21 -17.28 4.27 6.33
CA ASN A 21 -16.72 3.70 7.55
C ASN A 21 -17.33 2.34 7.91
N ALA A 22 -18.65 2.22 7.72
CA ALA A 22 -19.35 0.96 7.99
C ALA A 22 -18.90 -0.20 7.10
N GLN A 23 -18.36 0.11 5.92
CA GLN A 23 -17.88 -0.89 4.97
C GLN A 23 -16.40 -1.26 5.16
N ALA A 24 -15.73 -0.64 6.12
CA ALA A 24 -14.31 -0.88 6.34
C ALA A 24 -14.05 -2.32 6.76
N ILE A 25 -12.92 -2.87 6.34
CA ILE A 25 -12.46 -4.16 6.82
C ILE A 25 -12.18 -4.00 8.30
N ASP A 26 -12.65 -4.94 9.10
CA ASP A 26 -12.39 -4.94 10.54
C ASP A 26 -10.99 -5.47 10.75
N SER A 27 -10.00 -4.58 10.56
CA SER A 27 -8.60 -4.96 10.61
C SER A 27 -8.17 -5.43 11.99
N LEU A 28 -8.75 -4.84 13.04
CA LEU A 28 -8.46 -5.23 14.40
C LEU A 28 -8.89 -6.68 14.67
N ALA A 29 -10.08 -7.05 14.19
CA ALA A 29 -10.59 -8.41 14.39
C ALA A 29 -9.91 -9.44 13.47
N LEU A 30 -9.58 -9.02 12.25
CA LEU A 30 -9.05 -9.94 11.25
C LEU A 30 -7.57 -10.27 11.47
N LEU A 31 -6.77 -9.24 11.71
CA LEU A 31 -5.32 -9.43 11.83
C LEU A 31 -4.95 -9.97 13.20
N PRO A 32 -3.87 -10.77 13.27
CA PRO A 32 -3.33 -11.04 14.59
C PRO A 32 -2.67 -9.78 15.14
N PRO A 33 -2.35 -9.77 16.44
CA PRO A 33 -1.56 -8.65 16.93
C PRO A 33 -0.17 -8.67 16.29
N PRO A 34 0.52 -7.52 16.27
CA PRO A 34 1.88 -7.54 15.76
C PRO A 34 2.79 -8.33 16.70
N PRO A 35 3.94 -8.78 16.21
CA PRO A 35 4.89 -9.46 17.09
C PRO A 35 5.26 -8.60 18.29
N ALA A 36 5.28 -9.21 19.48
CA ALA A 36 5.69 -8.51 20.69
C ALA A 36 7.22 -8.58 20.84
N VAL A 37 7.79 -7.55 21.45
CA VAL A 37 9.19 -7.59 21.82
C VAL A 37 9.40 -8.81 22.71
N GLY A 38 10.41 -9.61 22.41
CA GLY A 38 10.65 -10.84 23.12
C GLY A 38 10.12 -12.08 22.41
N SER A 39 9.40 -11.89 21.30
CA SER A 39 8.93 -13.00 20.49
C SER A 39 9.95 -13.34 19.40
N ILE A 40 9.95 -14.59 18.97
CA ILE A 40 10.77 -14.99 17.83
C ILE A 40 10.33 -14.23 16.59
N ALA A 41 9.01 -14.00 16.48
CA ALA A 41 8.47 -13.26 15.34
C ALA A 41 9.09 -11.86 15.24
N PHE A 42 9.22 -11.17 16.36
CA PHE A 42 9.84 -9.84 16.35
C PHE A 42 11.33 -9.94 16.05
N LEU A 43 12.01 -10.95 16.59
CA LEU A 43 13.41 -11.17 16.26
C LEU A 43 13.59 -11.31 14.75
N ASN A 44 12.65 -11.99 14.10
CA ASN A 44 12.67 -12.09 12.63
C ASN A 44 12.41 -10.75 11.95
N ASP A 45 11.45 -9.97 12.46
CA ASP A 45 11.26 -8.59 11.99
C ASP A 45 12.57 -7.82 12.04
N GLN A 46 13.33 -7.99 13.12
CA GLN A 46 14.60 -7.31 13.26
C GLN A 46 15.62 -7.84 12.26
N ALA A 47 15.63 -9.15 12.03
CA ALA A 47 16.48 -9.73 11.01
C ALA A 47 16.19 -9.13 9.63
N MET A 48 14.91 -8.99 9.30
CA MET A 48 14.51 -8.41 8.01
C MET A 48 14.88 -6.93 7.95
N TYR A 49 14.78 -6.24 9.07
CA TYR A 49 15.23 -4.86 9.15
C TYR A 49 16.73 -4.75 8.85
N GLU A 50 17.51 -5.62 9.48
CA GLU A 50 18.97 -5.59 9.28
C GLU A 50 19.34 -5.98 7.85
N GLN A 51 18.69 -7.02 7.34
CA GLN A 51 18.87 -7.46 5.95
CA GLN A 51 18.93 -7.43 5.95
C GLN A 51 18.58 -6.28 5.01
N GLY A 52 17.44 -5.64 5.26
CA GLY A 52 17.03 -4.47 4.49
C GLY A 52 18.07 -3.38 4.53
N ARG A 53 18.57 -3.09 5.72
CA ARG A 53 19.58 -2.06 5.93
C ARG A 53 20.83 -2.31 5.09
N LEU A 54 21.30 -3.56 5.05
CA LEU A 54 22.45 -3.91 4.23
C LEU A 54 22.17 -3.85 2.72
N LEU A 55 20.90 -3.93 2.34
CA LEU A 55 20.52 -3.79 0.93
C LEU A 55 20.41 -2.34 0.45
N ARG A 56 20.46 -1.38 1.38
CA ARG A 56 20.25 0.04 1.04
C ARG A 56 21.25 0.59 0.04
N ASN A 57 22.48 0.07 0.07
CA ASN A 57 23.53 0.48 -0.86
C ASN A 57 23.68 -0.47 -2.06
N THR A 58 22.56 -0.97 -2.57
CA THR A 58 22.53 -1.76 -3.78
C THR A 58 21.54 -1.12 -4.73
N GLU A 59 21.44 -1.66 -5.93
CA GLU A 59 20.44 -1.20 -6.89
C GLU A 59 19.03 -1.38 -6.31
N ARG A 60 18.80 -2.50 -5.63
CA ARG A 60 17.52 -2.74 -4.98
C ARG A 60 17.24 -1.71 -3.89
N GLY A 61 18.29 -1.31 -3.18
CA GLY A 61 18.20 -0.25 -2.18
C GLY A 61 17.85 1.10 -2.78
N LYS A 62 18.42 1.41 -3.93
CA LYS A 62 18.09 2.64 -4.65
C LYS A 62 16.61 2.65 -5.00
N LEU A 63 16.10 1.53 -5.53
CA LEU A 63 14.68 1.39 -5.80
C LEU A 63 13.86 1.54 -4.53
N ALA A 64 14.32 0.96 -3.42
CA ALA A 64 13.62 1.05 -2.15
C ALA A 64 13.47 2.50 -1.69
N ALA A 65 14.55 3.27 -1.77
CA ALA A 65 14.53 4.70 -1.40
C ALA A 65 13.56 5.48 -2.28
N GLU A 66 13.56 5.19 -3.58
CA GLU A 66 12.62 5.83 -4.52
C GLU A 66 11.18 5.43 -4.20
N ASP A 67 10.95 4.15 -3.96
CA ASP A 67 9.63 3.67 -3.53
C ASP A 67 9.19 4.34 -2.22
N ALA A 68 10.12 4.49 -1.29
CA ALA A 68 9.83 5.10 0.01
C ALA A 68 9.49 6.59 -0.11
N ASN A 69 9.94 7.23 -1.19
CA ASN A 69 9.56 8.62 -1.49
C ASN A 69 8.09 8.77 -1.94
N LEU A 70 7.48 7.67 -2.37
CA LEU A 70 6.11 7.71 -2.87
C LEU A 70 5.11 8.06 -1.79
N SER A 71 4.22 9.01 -2.09
CA SER A 71 3.03 9.25 -1.29
C SER A 71 1.97 8.24 -1.74
N ALA A 72 0.85 8.19 -1.04
CA ALA A 72 -0.24 7.28 -1.42
C ALA A 72 -0.70 7.53 -2.87
N GLY A 73 -0.73 8.79 -3.27
CA GLY A 73 -1.13 9.19 -4.61
C GLY A 73 -0.17 8.80 -5.72
N GLY A 74 1.09 8.56 -5.38
CA GLY A 74 2.11 8.16 -6.35
C GLY A 74 2.15 6.67 -6.63
N VAL A 75 1.41 5.88 -5.85
CA VAL A 75 1.43 4.43 -6.00
C VAL A 75 0.95 4.01 -7.40
N ALA A 76 -0.16 4.57 -7.86
CA ALA A 76 -0.71 4.22 -9.17
C ALA A 76 0.34 4.30 -10.28
N ASN A 77 0.99 5.45 -10.38
CA ASN A 77 2.00 5.66 -11.41
C ASN A 77 3.23 4.76 -11.25
N ALA A 78 3.52 4.36 -10.01
CA ALA A 78 4.65 3.49 -9.73
C ALA A 78 4.51 2.08 -10.34
N PHE A 79 3.31 1.75 -10.81
CA PHE A 79 3.07 0.46 -11.49
C PHE A 79 3.28 0.52 -13.01
N SER A 80 3.63 1.69 -13.55
CA SER A 80 3.65 1.90 -15.01
C SER A 80 4.49 0.88 -15.78
N SER A 81 5.74 0.67 -15.35
CA SER A 81 6.64 -0.27 -16.03
CA SER A 81 6.64 -0.27 -16.03
C SER A 81 6.11 -1.70 -15.96
N ALA A 82 5.63 -2.10 -14.79
CA ALA A 82 5.05 -3.43 -14.61
C ALA A 82 3.78 -3.60 -15.45
N PHE A 83 2.97 -2.55 -15.50
CA PHE A 83 1.71 -2.54 -16.24
C PHE A 83 1.92 -2.56 -17.76
N GLY A 84 3.04 -2.01 -18.21
CA GLY A 84 3.40 -2.01 -19.63
C GLY A 84 3.07 -0.72 -20.36
N SER A 85 2.44 0.23 -19.65
CA SER A 85 2.11 1.53 -20.23
C SER A 85 1.93 2.56 -19.13
N PRO A 86 2.04 3.86 -19.47
CA PRO A 86 2.01 4.89 -18.43
C PRO A 86 0.68 4.94 -17.69
N ILE A 87 0.74 4.85 -16.36
CA ILE A 87 -0.41 5.07 -15.52
C ILE A 87 -0.31 6.50 -15.01
N THR A 88 -0.84 7.42 -15.80
CA THR A 88 -0.77 8.83 -15.52
C THR A 88 -2.12 9.48 -15.78
N GLU A 89 -2.29 10.69 -15.27
CA GLU A 89 -3.49 11.46 -15.56
C GLU A 89 -3.51 11.86 -17.04
N LYS A 90 -2.32 12.08 -17.59
CA LYS A 90 -2.15 12.41 -19.01
C LYS A 90 -2.62 11.28 -19.94
N ASP A 91 -2.10 10.08 -19.70
CA ASP A 91 -2.23 8.96 -20.64
C ASP A 91 -3.38 8.00 -20.31
N ALA A 92 -3.75 7.91 -19.05
CA ALA A 92 -4.79 6.96 -18.61
C ALA A 92 -5.63 7.55 -17.48
N PRO A 93 -6.35 8.65 -17.77
CA PRO A 93 -7.11 9.37 -16.73
C PRO A 93 -8.13 8.52 -15.99
N GLN A 94 -8.84 7.65 -16.70
CA GLN A 94 -9.86 6.80 -16.08
C GLN A 94 -9.21 5.80 -15.13
N LEU A 95 -8.10 5.22 -15.55
CA LEU A 95 -7.36 4.28 -14.71
C LEU A 95 -6.78 5.00 -13.50
N HIS A 96 -6.16 6.15 -13.72
CA HIS A 96 -5.55 6.90 -12.63
C HIS A 96 -6.59 7.35 -11.61
N LYS A 97 -7.76 7.76 -12.10
CA LYS A 97 -8.89 8.12 -11.24
C LYS A 97 -9.34 6.93 -10.40
N LEU A 98 -9.49 5.77 -11.03
CA LEU A 98 -9.88 4.54 -10.34
C LEU A 98 -8.97 4.25 -9.14
N LEU A 99 -7.67 4.26 -9.41
CA LEU A 99 -6.68 3.84 -8.42
C LEU A 99 -6.51 4.88 -7.33
N THR A 100 -6.59 6.15 -7.69
CA THR A 100 -6.53 7.24 -6.72
C THR A 100 -7.74 7.20 -5.77
N ASN A 101 -8.90 6.86 -6.31
CA ASN A 101 -10.15 6.93 -5.55
C ASN A 101 -10.30 5.80 -4.52
N MET A 102 -9.42 4.81 -4.58
CA MET A 102 -9.42 3.70 -3.62
C MET A 102 -8.28 3.80 -2.60
N ILE A 103 -7.51 4.89 -2.67
CA ILE A 103 -6.39 5.14 -1.75
C ILE A 103 -6.86 5.11 -0.30
N GLY A 104 -7.94 5.82 -0.01
CA GLY A 104 -8.51 5.87 1.33
C GLY A 104 -9.07 4.54 1.80
N ASP A 105 -9.69 3.82 0.89
CA ASP A 105 -10.28 2.53 1.22
C ASP A 105 -9.23 1.53 1.65
N ALA A 106 -8.15 1.45 0.88
CA ALA A 106 -7.08 0.48 1.13
C ALA A 106 -6.07 0.98 2.16
N GLY A 107 -5.76 2.27 2.11
CA GLY A 107 -4.73 2.84 2.97
C GLY A 107 -5.23 3.18 4.36
N ASP A 108 -6.48 3.60 4.46
CA ASP A 108 -7.02 4.11 5.71
C ASP A 108 -8.08 3.16 6.29
N LEU A 109 -9.22 3.02 5.61
CA LEU A 109 -10.31 2.20 6.13
C LEU A 109 -9.87 0.77 6.45
N ALA A 110 -9.09 0.17 5.56
CA ALA A 110 -8.69 -1.22 5.73
C ALA A 110 -7.64 -1.42 6.83
N THR A 111 -7.02 -0.34 7.32
CA THR A 111 -5.94 -0.42 8.32
C THR A 111 -6.25 0.25 9.65
N ARG A 112 -7.28 1.09 9.70
CA ARG A 112 -7.44 2.05 10.79
C ARG A 112 -7.61 1.41 12.16
N GLY A 113 -8.46 0.38 12.23
CA GLY A 113 -8.75 -0.29 13.49
C GLY A 113 -7.50 -0.84 14.15
N ALA A 114 -6.75 -1.62 13.39
CA ALA A 114 -5.49 -2.20 13.88
C ALA A 114 -4.44 -1.12 14.12
N LYS A 115 -4.31 -0.17 13.20
CA LYS A 115 -3.35 0.92 13.36
C LYS A 115 -3.50 1.63 14.69
N GLU A 116 -4.73 2.06 14.98
CA GLU A 116 -4.98 2.88 16.16
C GLU A 116 -4.93 2.07 17.45
N LYS A 117 -5.24 0.78 17.40
CA LYS A 117 -5.20 -0.06 18.58
C LYS A 117 -3.76 -0.29 19.04
N TYR A 118 -2.89 -0.66 18.11
CA TYR A 118 -1.53 -1.04 18.48
C TYR A 118 -0.55 0.14 18.47
N MET A 119 -0.82 1.15 17.65
CA MET A 119 0.08 2.31 17.50
C MET A 119 1.54 1.85 17.52
N ARG A 120 1.84 0.84 16.72
CA ARG A 120 3.12 0.19 16.76
C ARG A 120 4.24 1.12 16.35
N ILE A 121 5.34 1.06 17.08
CA ILE A 121 6.52 1.86 16.78
CA ILE A 121 6.51 1.87 16.78
C ILE A 121 7.15 1.35 15.50
N ARG A 122 7.58 2.28 14.64
CA ARG A 122 8.19 1.93 13.35
CA ARG A 122 8.17 1.91 13.36
C ARG A 122 9.68 1.63 13.54
N PRO A 123 10.28 0.87 12.61
CA PRO A 123 11.68 0.48 12.80
C PRO A 123 12.65 1.63 13.06
N PHE A 124 12.66 2.63 12.19
CA PHE A 124 13.61 3.75 12.36
C PHE A 124 13.49 4.37 13.76
N ALA A 125 12.26 4.49 14.26
CA ALA A 125 12.01 5.06 15.58
C ALA A 125 12.49 4.12 16.68
N PHE A 126 12.27 2.82 16.50
CA PHE A 126 12.74 1.81 17.47
C PHE A 126 14.25 1.92 17.65
N TYR A 127 14.98 2.05 16.54
CA TYR A 127 16.44 2.11 16.56
C TYR A 127 17.00 3.52 16.79
N GLY A 128 16.13 4.53 16.76
CA GLY A 128 16.56 5.91 16.96
C GLY A 128 17.43 6.42 15.83
N VAL A 129 17.10 6.03 14.61
CA VAL A 129 17.87 6.42 13.43
C VAL A 129 16.95 6.94 12.33
N SER A 130 17.53 7.34 11.20
CA SER A 130 16.72 7.76 10.06
C SER A 130 16.37 6.56 9.20
N THR A 131 15.55 6.80 8.19
CA THR A 131 15.21 5.80 7.20
C THR A 131 16.24 5.90 6.08
N CYS A 132 16.11 5.07 5.05
CA CYS A 132 17.06 5.06 3.95
C CYS A 132 16.99 6.30 3.06
N ASN A 133 15.84 6.97 3.04
CA ASN A 133 15.64 8.13 2.16
C ASN A 133 15.48 9.46 2.89
N THR A 134 15.76 9.49 4.20
CA THR A 134 15.65 10.71 4.99
C THR A 134 16.84 10.86 5.93
N THR A 135 17.09 12.10 6.35
CA THR A 135 17.92 12.40 7.50
C THR A 135 16.98 12.83 8.62
N GLU A 136 17.53 13.13 9.79
CA GLU A 136 16.70 13.55 10.93
C GLU A 136 16.16 14.99 10.82
N GLN A 137 16.59 15.74 9.80
CA GLN A 137 15.99 17.04 9.49
C GLN A 137 14.57 16.86 8.93
N ASP A 138 14.33 15.71 8.30
CA ASP A 138 12.98 15.33 7.83
C ASP A 138 12.26 14.66 9.00
N LYS A 139 10.94 14.83 9.05
CA LYS A 139 10.16 14.26 10.14
C LYS A 139 9.06 13.33 9.64
N LEU A 140 9.00 12.15 10.25
CA LEU A 140 8.03 11.13 9.90
C LEU A 140 7.30 10.73 11.16
N SER A 141 6.07 10.25 11.01
CA SER A 141 5.34 9.69 12.14
C SER A 141 6.13 8.49 12.66
N LYS A 142 6.24 8.37 13.98
CA LYS A 142 7.04 7.31 14.59
C LYS A 142 6.25 6.04 14.90
N ASN A 143 4.92 6.13 14.89
CA ASN A 143 4.06 5.04 15.30
CA ASN A 143 4.04 5.05 15.31
C ASN A 143 2.94 4.76 14.28
N GLY A 144 2.07 3.80 14.59
CA GLY A 144 0.99 3.41 13.69
C GLY A 144 1.52 2.52 12.57
N SER A 145 2.57 1.75 12.88
CA SER A 145 3.31 0.98 11.88
C SER A 145 2.50 -0.19 11.31
N TYR A 146 1.62 -0.76 12.13
CA TYR A 146 0.95 -2.02 11.83
C TYR A 146 -0.55 -1.85 11.65
N PRO A 147 -1.11 -2.25 10.50
CA PRO A 147 -0.38 -2.65 9.30
C PRO A 147 0.05 -1.43 8.49
N SER A 148 0.84 -1.66 7.44
CA SER A 148 1.28 -0.58 6.55
C SER A 148 0.17 -0.14 5.58
N GLY A 149 -0.27 1.10 5.72
CA GLY A 149 -1.26 1.67 4.81
C GLY A 149 -0.76 1.70 3.37
N HIS A 150 0.47 2.18 3.18
CA HIS A 150 1.08 2.26 1.85
C HIS A 150 1.11 0.89 1.17
N THR A 151 1.50 -0.13 1.93
CA THR A 151 1.59 -1.49 1.41
C THR A 151 0.20 -2.03 1.08
N SER A 152 -0.80 -1.71 1.89
CA SER A 152 -2.16 -2.11 1.60
C SER A 152 -2.62 -1.48 0.29
N ILE A 153 -2.33 -0.20 0.09
CA ILE A 153 -2.65 0.46 -1.18
C ILE A 153 -1.91 -0.23 -2.32
N GLY A 154 -0.62 -0.48 -2.14
CA GLY A 154 0.20 -1.16 -3.13
C GLY A 154 -0.40 -2.50 -3.57
N TRP A 155 -0.77 -3.32 -2.61
CA TRP A 155 -1.28 -4.65 -2.92
C TRP A 155 -2.69 -4.60 -3.53
N ALA A 156 -3.57 -3.79 -2.92
CA ALA A 156 -4.91 -3.59 -3.48
C ALA A 156 -4.84 -3.09 -4.91
N THR A 157 -3.97 -2.11 -5.15
CA THR A 157 -3.76 -1.55 -6.48
C THR A 157 -3.26 -2.63 -7.45
N ALA A 158 -2.33 -3.47 -6.99
CA ALA A 158 -1.82 -4.57 -7.81
C ALA A 158 -2.93 -5.53 -8.23
N LEU A 159 -3.81 -5.87 -7.30
CA LEU A 159 -4.90 -6.81 -7.57
C LEU A 159 -5.89 -6.23 -8.59
N VAL A 160 -6.17 -4.94 -8.48
CA VAL A 160 -7.06 -4.27 -9.42
C VAL A 160 -6.39 -4.18 -10.79
N LEU A 161 -5.14 -3.73 -10.82
CA LEU A 161 -4.36 -3.66 -12.06
C LEU A 161 -4.21 -5.00 -12.76
N ALA A 162 -4.05 -6.07 -11.98
CA ALA A 162 -3.91 -7.42 -12.53
C ALA A 162 -5.19 -7.84 -13.25
N GLU A 163 -6.33 -7.44 -12.70
CA GLU A 163 -7.62 -7.69 -13.34
C GLU A 163 -7.77 -6.91 -14.65
N ILE A 164 -7.24 -5.69 -14.70
CA ILE A 164 -7.36 -4.85 -15.90
C ILE A 164 -6.42 -5.35 -17.00
N ASN A 165 -5.23 -5.79 -16.63
CA ASN A 165 -4.23 -6.26 -17.59
C ASN A 165 -3.68 -7.64 -17.17
N PRO A 166 -4.49 -8.70 -17.34
CA PRO A 166 -4.07 -10.04 -16.93
C PRO A 166 -2.85 -10.57 -17.67
N GLN A 167 -2.61 -10.09 -18.89
CA GLN A 167 -1.41 -10.46 -19.65
C GLN A 167 -0.10 -10.09 -18.93
N ARG A 168 -0.15 -9.10 -18.05
CA ARG A 168 1.02 -8.75 -17.24
C ARG A 168 0.74 -8.87 -15.74
N GLN A 169 -0.17 -9.77 -15.37
CA GLN A 169 -0.57 -9.92 -13.97
C GLN A 169 0.61 -10.24 -13.06
N ASN A 170 1.54 -11.05 -13.55
CA ASN A 170 2.66 -11.48 -12.71
C ASN A 170 3.66 -10.36 -12.48
N GLU A 171 3.95 -9.58 -13.52
CA GLU A 171 4.78 -8.38 -13.38
C GLU A 171 4.11 -7.39 -12.43
N ILE A 172 2.80 -7.21 -12.59
CA ILE A 172 2.04 -6.29 -11.75
C ILE A 172 2.07 -6.74 -10.29
N LEU A 173 1.78 -8.02 -10.06
CA LEU A 173 1.76 -8.55 -8.70
C LEU A 173 3.14 -8.47 -8.04
N LYS A 174 4.19 -8.79 -8.79
CA LYS A 174 5.55 -8.68 -8.26
C LYS A 174 5.84 -7.24 -7.86
N ARG A 175 5.44 -6.29 -8.71
CA ARG A 175 5.66 -4.88 -8.41
C ARG A 175 4.95 -4.46 -7.13
N GLY A 176 3.68 -4.87 -7.00
CA GLY A 176 2.90 -4.58 -5.80
C GLY A 176 3.53 -5.16 -4.55
N TYR A 177 3.98 -6.40 -4.66
CA TYR A 177 4.72 -7.06 -3.58
C TYR A 177 5.96 -6.26 -3.21
N GLU A 178 6.74 -5.87 -4.22
CA GLU A 178 8.01 -5.18 -3.96
C GLU A 178 7.84 -3.79 -3.35
N LEU A 179 6.72 -3.11 -3.63
CA LEU A 179 6.43 -1.83 -2.96
C LEU A 179 6.42 -2.02 -1.44
N GLY A 180 5.82 -3.11 -0.98
CA GLY A 180 5.84 -3.47 0.43
C GLY A 180 7.26 -3.73 0.92
N GLU A 181 8.01 -4.55 0.21
CA GLU A 181 9.37 -4.89 0.62
C GLU A 181 10.29 -3.67 0.64
N SER A 182 10.08 -2.72 -0.26
CA SER A 182 10.84 -1.46 -0.25
C SER A 182 10.72 -0.72 1.09
N ARG A 183 9.55 -0.78 1.70
CA ARG A 183 9.32 -0.13 2.98
C ARG A 183 10.06 -0.85 4.12
N VAL A 184 10.24 -2.16 3.99
CA VAL A 184 11.03 -2.94 4.94
C VAL A 184 12.50 -2.59 4.79
N ILE A 185 12.96 -2.51 3.54
CA ILE A 185 14.35 -2.17 3.23
C ILE A 185 14.71 -0.77 3.75
N CYS A 186 13.76 0.16 3.64
CA CYS A 186 14.04 1.55 3.96
C CYS A 186 13.89 1.88 5.45
N GLY A 187 13.28 0.98 6.22
CA GLY A 187 13.11 1.16 7.66
C GLY A 187 11.81 1.84 8.07
N TYR A 188 10.89 2.00 7.11
CA TYR A 188 9.56 2.58 7.36
C TYR A 188 8.65 1.63 8.12
N HIS A 189 8.79 0.34 7.85
CA HIS A 189 7.92 -0.68 8.39
C HIS A 189 8.68 -1.95 8.70
N TRP A 190 8.15 -2.72 9.66
CA TRP A 190 8.62 -4.06 9.93
C TRP A 190 8.01 -5.00 8.89
N GLN A 191 8.69 -6.11 8.63
CA GLN A 191 8.17 -7.11 7.69
C GLN A 191 6.74 -7.50 8.02
N SER A 192 6.44 -7.70 9.30
CA SER A 192 5.09 -8.09 9.72
C SER A 192 4.02 -7.02 9.40
N ASP A 193 4.40 -5.74 9.41
CA ASP A 193 3.49 -4.66 9.02
C ASP A 193 3.05 -4.83 7.57
N VAL A 194 4.03 -5.20 6.74
CA VAL A 194 3.85 -5.38 5.32
C VAL A 194 3.05 -6.66 5.04
N ASP A 195 3.39 -7.74 5.75
CA ASP A 195 2.64 -8.99 5.61
C ASP A 195 1.16 -8.78 5.93
N ALA A 196 0.90 -8.13 7.07
CA ALA A 196 -0.46 -7.86 7.51
C ALA A 196 -1.21 -6.96 6.51
N ALA A 197 -0.50 -5.99 5.93
CA ALA A 197 -1.10 -5.06 4.98
C ALA A 197 -1.68 -5.74 3.74
N ARG A 198 -1.01 -6.80 3.28
CA ARG A 198 -1.47 -7.53 2.09
C ARG A 198 -2.76 -8.29 2.37
N ILE A 199 -2.97 -8.69 3.63
CA ILE A 199 -4.21 -9.36 4.01
CA ILE A 199 -4.22 -9.36 4.02
C ILE A 199 -5.39 -8.39 3.87
N VAL A 200 -5.29 -7.23 4.52
CA VAL A 200 -6.38 -6.24 4.47
C VAL A 200 -6.49 -5.60 3.08
N GLY A 201 -5.37 -5.43 2.40
CA GLY A 201 -5.35 -4.92 1.04
C GLY A 201 -6.13 -5.82 0.09
N SER A 202 -5.98 -7.13 0.24
CA SER A 202 -6.74 -8.06 -0.57
C SER A 202 -8.22 -8.03 -0.17
N ALA A 203 -8.49 -7.95 1.14
CA ALA A 203 -9.86 -7.92 1.65
C ALA A 203 -10.67 -6.73 1.10
N VAL A 204 -10.08 -5.54 1.10
CA VAL A 204 -10.78 -4.34 0.65
C VAL A 204 -11.14 -4.40 -0.84
N VAL A 205 -10.34 -5.09 -1.63
CA VAL A 205 -10.61 -5.23 -3.06
C VAL A 205 -11.92 -6.00 -3.28
N ALA A 206 -12.20 -6.97 -2.41
CA ALA A 206 -13.48 -7.69 -2.46
C ALA A 206 -14.64 -6.73 -2.17
N THR A 207 -14.50 -5.91 -1.15
CA THR A 207 -15.52 -4.91 -0.83
C THR A 207 -15.74 -3.97 -1.99
N LEU A 208 -14.64 -3.49 -2.57
CA LEU A 208 -14.71 -2.54 -3.68
C LEU A 208 -15.51 -3.11 -4.86
N HIS A 209 -15.37 -4.41 -5.11
CA HIS A 209 -16.13 -5.07 -6.17
C HIS A 209 -17.65 -5.07 -5.96
N THR A 210 -18.08 -4.82 -4.72
CA THR A 210 -19.51 -4.71 -4.41
C THR A 210 -20.05 -3.28 -4.61
N ASN A 211 -19.16 -2.31 -4.81
CA ASN A 211 -19.53 -0.90 -4.84
C ASN A 211 -19.83 -0.43 -6.27
N PRO A 212 -21.05 0.08 -6.51
CA PRO A 212 -21.43 0.53 -7.86
C PRO A 212 -20.45 1.53 -8.49
N ALA A 213 -20.04 2.54 -7.74
CA ALA A 213 -19.12 3.55 -8.28
C ALA A 213 -17.79 2.94 -8.70
N PHE A 214 -17.27 2.04 -7.87
CA PHE A 214 -16.03 1.33 -8.21
C PHE A 214 -16.21 0.47 -9.45
N GLN A 215 -17.31 -0.29 -9.50
CA GLN A 215 -17.63 -1.13 -10.65
C GLN A 215 -17.65 -0.34 -11.94
N GLN A 216 -18.32 0.82 -11.92
CA GLN A 216 -18.42 1.69 -13.08
C GLN A 216 -17.05 2.19 -13.50
N GLN A 217 -16.30 2.73 -12.54
CA GLN A 217 -15.01 3.32 -12.83
C GLN A 217 -14.03 2.25 -13.30
N LEU A 218 -14.13 1.06 -12.73
CA LEU A 218 -13.30 -0.06 -13.14
C LEU A 218 -13.55 -0.39 -14.61
N GLN A 219 -14.82 -0.43 -15.00
CA GLN A 219 -15.17 -0.68 -16.39
C GLN A 219 -14.63 0.41 -17.32
N LYS A 220 -14.72 1.66 -16.88
CA LYS A 220 -14.15 2.77 -17.65
C LYS A 220 -12.65 2.59 -17.84
N ALA A 221 -11.97 2.17 -16.78
CA ALA A 221 -10.53 1.92 -16.84
C ALA A 221 -10.21 0.79 -17.82
N LYS A 222 -11.04 -0.26 -17.83
CA LYS A 222 -10.88 -1.38 -18.76
C LYS A 222 -11.14 -0.95 -20.21
N ASP A 223 -12.20 -0.18 -20.43
CA ASP A 223 -12.51 0.37 -21.75
C ASP A 223 -11.35 1.21 -22.26
N GLU A 224 -10.86 2.10 -21.39
CA GLU A 224 -9.70 2.95 -21.69
C GLU A 224 -8.48 2.12 -22.06
N PHE A 225 -8.21 1.07 -21.28
CA PHE A 225 -7.07 0.19 -21.53
C PHE A 225 -7.19 -0.53 -22.88
N ALA A 226 -8.40 -0.96 -23.20
CA ALA A 226 -8.66 -1.60 -24.49
C ALA A 226 -8.31 -0.68 -25.65
N LYS A 227 -8.61 0.62 -25.51
CA LYS A 227 -8.24 1.61 -26.52
C LYS A 227 -6.72 1.82 -26.56
N THR A 228 -6.10 1.89 -25.39
CA THR A 228 -4.64 1.99 -25.28
C THR A 228 -3.95 0.84 -26.02
N GLN A 229 -4.48 -0.37 -25.85
CA GLN A 229 -3.96 -1.55 -26.54
C GLN A 229 -4.10 -1.45 -28.06
N LYS A 230 -5.27 -0.98 -28.52
CA LYS A 230 -5.52 -0.83 -29.95
C LYS A 230 -4.55 0.15 -30.60
N HIS A 231 -4.32 1.28 -29.96
CA HIS A 231 -3.42 2.31 -30.49
C HIS A 231 -1.94 1.90 -30.42
N HIS A 232 -1.58 1.10 -29.42
CA HIS A 232 -0.22 0.54 -29.35
C HIS A 232 0.02 -0.50 -30.45
N HIS A 233 -0.98 -1.36 -30.69
CA HIS A 233 -0.91 -2.36 -31.74
C HIS A 233 -1.47 -1.81 -33.05
P PO4 B . 1.65 4.00 6.37
O1 PO4 B . 1.33 2.86 7.30
O2 PO4 B . 0.43 4.90 6.26
O3 PO4 B . 2.81 4.80 6.90
O4 PO4 B . 1.98 3.45 5.00
P PO4 C . 21.90 -1.81 14.51
O1 PO4 C . 23.08 -0.89 14.34
O2 PO4 C . 21.17 -1.48 15.79
O3 PO4 C . 20.95 -1.64 13.34
O4 PO4 C . 22.39 -3.23 14.56
P PO4 D . 15.13 -9.26 20.64
O1 PO4 D . 15.12 -10.37 21.68
O2 PO4 D . 14.38 -9.70 19.40
O3 PO4 D . 14.50 -8.02 21.23
O4 PO4 D . 16.56 -8.97 20.23
P PO4 E . -2.03 6.02 4.24
O1 PO4 E . -1.73 7.42 4.72
O2 PO4 E . -2.35 5.14 5.42
O3 PO4 E . -3.20 6.05 3.29
O4 PO4 E . -0.81 5.48 3.52
P PO4 F . 13.92 -8.22 2.73
O1 PO4 F . 13.30 -7.26 1.74
O2 PO4 F . 14.82 -9.19 2.00
O3 PO4 F . 14.74 -7.44 3.74
O4 PO4 F . 12.82 -8.96 3.44
P PO4 G . 6.22 2.51 -19.66
O1 PO4 G . 6.65 3.63 -18.75
O2 PO4 G . 5.82 3.09 -21.00
O3 PO4 G . 7.36 1.55 -19.86
O4 PO4 G . 5.05 1.79 -19.06
P PO4 H . 7.25 -4.19 18.52
O1 PO4 H . 6.91 -5.27 17.52
O2 PO4 H . 7.00 -2.83 17.91
O3 PO4 H . 6.41 -4.36 19.76
O4 PO4 H . 8.72 -4.30 18.87
C1 GOL I . 5.93 -12.89 11.71
O1 GOL I . 4.81 -12.04 12.02
C2 GOL I . 7.19 -12.04 11.63
O2 GOL I . 8.30 -12.80 12.12
C3 GOL I . 7.47 -11.62 10.18
O3 GOL I . 8.76 -10.99 10.09
C1 GOL J . 0.80 -10.78 10.22
O1 GOL J . 2.07 -10.14 10.32
C2 GOL J . 0.85 -11.90 9.19
O2 GOL J . 1.24 -13.12 9.83
C3 GOL J . -0.51 -12.05 8.53
O3 GOL J . -0.61 -13.35 7.92
C1 GOL K . -17.55 -0.96 11.03
O1 GOL K . -16.62 0.02 10.55
C2 GOL K . -17.08 -2.35 10.65
O2 GOL K . -17.99 -3.33 11.19
C3 GOL K . -15.68 -2.61 11.19
O3 GOL K . -14.69 -2.36 10.18
#